data_4NA7
#
_entry.id   4NA7
#
_cell.length_a   44.249
_cell.length_b   104.960
_cell.length_c   143.998
_cell.angle_alpha   90.00
_cell.angle_beta   90.00
_cell.angle_gamma   90.00
#
_symmetry.space_group_name_H-M   'I 2 2 2'
#
loop_
_entity.id
_entity.type
_entity.pdbx_description
1 polymer 'Coagulation factor XI'
2 non-polymer "3'-[(2S,4R)-6-carbamimidoyl-4-methyl-4-phenyl-1,2,3,4-tetrahydroquinolin-2-yl]-4-carbamoyl-5'-[(3-methylbutanoyl)amino]biphenyl-2-carboxylic acid"
3 non-polymer 'SULFATE ION'
4 water water
#
_entity_poly.entity_id   1
_entity_poly.type   'polypeptide(L)'
_entity_poly.pdbx_seq_one_letter_code
;IVGGTASVRGEWPWQVTLHTTSPTQRHLCGGSIIGNQWILTAAHCFYGVESPKILRVYSGILNQSEIKEDTSFFGVQEII
IHDQYKMAESGYDIALLKLETTVNYTDSQRPICLPSKGDRNVIYTDCWVTGWGYRKLRDKIQNTLQKAKIPLVTNEECQK
RYRGHKITHKMICAGYREGGKDACKGDSGGPLSCKHNEVWHLVGITSWGEGCAQRERPGVYTNVVEYVDWILEKTQAVHH
HHHH
;
_entity_poly.pdbx_strand_id   A
#
loop_
_chem_comp.id
_chem_comp.type
_chem_comp.name
_chem_comp.formula
1T5 non-polymer '3'-[(2S,4R)-6-carbamimidoyl-4-methyl-4-phenyl-1,2,3,4-tetrahydroquinolin-2-yl]-4-carbamoyl-5'-[(3-methylbutanoyl)amino]biphenyl-2-carboxylic acid' 'C36 H37 N5 O4'
SO4 non-polymer 'SULFATE ION' 'O4 S -2'
#
# COMPACT_ATOMS: atom_id res chain seq x y z
N ILE A 1 0.81 10.35 5.27
CA ILE A 1 -0.17 11.01 4.42
C ILE A 1 -0.15 12.52 4.62
N VAL A 2 0.01 13.28 3.55
CA VAL A 2 -0.03 14.73 3.63
C VAL A 2 -1.46 15.21 3.32
N GLY A 3 -1.96 16.19 4.07
CA GLY A 3 -3.31 16.72 3.86
C GLY A 3 -4.47 15.77 4.10
N GLY A 4 -4.25 14.77 4.93
CA GLY A 4 -5.28 13.80 5.25
C GLY A 4 -5.95 14.10 6.56
N THR A 5 -6.82 13.17 6.98
CA THR A 5 -7.54 13.27 8.25
C THR A 5 -7.54 11.91 8.90
N ALA A 6 -7.80 11.88 10.20
CA ALA A 6 -7.80 10.63 10.94
C ALA A 6 -8.91 9.70 10.45
N SER A 7 -8.58 8.41 10.36
CA SER A 7 -9.58 7.41 9.99
C SER A 7 -10.43 7.08 11.22
N VAL A 8 -11.58 6.45 11.00
CA VAL A 8 -12.45 6.01 12.08
C VAL A 8 -12.16 4.51 12.19
N ARG A 9 -12.33 3.95 13.39
CA ARG A 9 -12.09 2.55 13.57
C ARG A 9 -12.93 1.70 12.65
N GLY A 10 -12.28 0.72 12.00
CA GLY A 10 -12.87 -0.23 11.05
C GLY A 10 -13.10 0.28 9.65
N GLU A 11 -12.63 1.51 9.35
CA GLU A 11 -12.89 2.14 8.05
C GLU A 11 -12.14 1.47 6.87
N TRP A 12 -10.91 0.99 7.12
CA TRP A 12 -10.07 0.41 6.06
C TRP A 12 -9.61 -0.95 6.55
N PRO A 13 -10.54 -1.92 6.66
CA PRO A 13 -10.20 -3.16 7.32
C PRO A 13 -9.19 -4.04 6.62
N TRP A 14 -8.81 -3.71 5.38
CA TRP A 14 -7.77 -4.47 4.67
C TRP A 14 -6.39 -3.88 4.94
N GLN A 15 -6.30 -2.68 5.53
CA GLN A 15 -5.03 -2.03 5.83
C GLN A 15 -4.36 -2.74 6.98
N VAL A 16 -3.09 -3.09 6.77
CA VAL A 16 -2.26 -3.63 7.83
C VAL A 16 -1.06 -2.73 8.06
N THR A 17 -0.43 -2.90 9.20
CA THR A 17 0.83 -2.30 9.55
C THR A 17 1.79 -3.46 9.72
N LEU A 18 2.88 -3.40 8.96
CA LEU A 18 3.95 -4.38 9.01
C LEU A 18 4.98 -3.80 9.96
N HIS A 19 5.30 -4.54 11.02
CA HIS A 19 6.28 -4.14 12.02
C HIS A 19 7.49 -5.01 11.97
N THR A 20 8.58 -4.45 12.45
CA THR A 20 9.84 -5.12 12.66
C THR A 20 9.97 -5.12 14.23
N THR A 21 10.58 -6.14 14.78
CA THR A 21 10.68 -6.44 16.21
C THR A 21 11.96 -5.94 16.88
N SER A 22 13.01 -5.73 16.10
CA SER A 22 14.33 -5.30 16.55
C SER A 22 14.68 -3.88 16.21
N PRO A 23 15.23 -3.12 17.18
CA PRO A 23 15.42 -3.48 18.61
C PRO A 23 14.13 -3.45 19.42
N THR A 24 13.15 -2.65 18.96
CA THR A 24 11.84 -2.47 19.56
C THR A 24 10.79 -2.53 18.47
N GLN A 25 9.54 -2.51 18.88
CA GLN A 25 8.30 -2.49 18.09
C GLN A 25 8.25 -1.22 17.22
N ARG A 26 8.32 -1.40 15.87
CA ARG A 26 8.37 -0.27 14.96
C ARG A 26 7.67 -0.62 13.70
N HIS A 27 6.93 0.33 13.18
CA HIS A 27 6.26 0.21 11.91
C HIS A 27 7.30 0.31 10.83
N LEU A 28 7.16 -0.56 9.84
CA LEU A 28 8.01 -0.61 8.68
C LEU A 28 7.31 -0.07 7.41
N CYS A 29 6.16 -0.66 7.07
CA CYS A 29 5.41 -0.34 5.84
C CYS A 29 3.95 -0.69 6.01
N GLY A 30 3.13 -0.23 5.08
CA GLY A 30 1.74 -0.61 5.05
C GLY A 30 1.62 -1.86 4.19
N GLY A 31 0.41 -2.37 4.10
CA GLY A 31 0.09 -3.54 3.30
C GLY A 31 -1.41 -3.73 3.26
N SER A 32 -1.87 -4.64 2.42
CA SER A 32 -3.29 -4.94 2.26
C SER A 32 -3.56 -6.41 2.34
N ILE A 33 -4.63 -6.77 3.07
CA ILE A 33 -5.10 -8.13 3.13
C ILE A 33 -5.81 -8.41 1.80
N ILE A 34 -5.34 -9.42 1.07
CA ILE A 34 -5.95 -9.80 -0.19
C ILE A 34 -6.53 -11.20 -0.18
N GLY A 35 -6.15 -12.00 0.80
CA GLY A 35 -6.58 -13.39 0.94
C GLY A 35 -6.36 -13.81 2.38
N ASN A 36 -6.85 -14.96 2.78
CA ASN A 36 -6.74 -15.31 4.21
C ASN A 36 -5.36 -15.61 4.75
N GLN A 37 -4.38 -15.72 3.86
CA GLN A 37 -3.01 -15.88 4.30
C GLN A 37 -2.09 -15.01 3.43
N TRP A 38 -2.64 -13.95 2.82
CA TRP A 38 -1.87 -13.13 1.87
C TRP A 38 -1.97 -11.64 2.08
N ILE A 39 -0.79 -10.98 2.12
CA ILE A 39 -0.67 -9.53 2.22
C ILE A 39 0.04 -9.05 0.96
N LEU A 40 -0.48 -7.99 0.33
CA LEU A 40 0.15 -7.37 -0.81
C LEU A 40 0.77 -6.06 -0.33
N THR A 41 2.03 -5.86 -0.71
CA THR A 41 2.81 -4.71 -0.27
C THR A 41 3.89 -4.35 -1.31
N ALA A 42 4.84 -3.44 -0.93
CA ALA A 42 5.87 -2.96 -1.84
C ALA A 42 7.16 -3.67 -1.62
N ALA A 43 7.88 -3.99 -2.71
CA ALA A 43 9.18 -4.61 -2.64
C ALA A 43 10.25 -3.78 -1.96
N HIS A 44 10.22 -2.45 -2.14
CA HIS A 44 11.28 -1.60 -1.55
C HIS A 44 11.34 -1.62 -0.03
N CYS A 45 10.23 -2.00 0.61
CA CYS A 45 10.13 -2.04 2.08
C CYS A 45 11.06 -3.03 2.69
N PHE A 46 11.45 -4.03 1.88
CA PHE A 46 12.22 -5.17 2.32
C PHE A 46 13.72 -5.12 2.23
N TYR A 47 14.30 -3.95 1.91
CA TYR A 47 15.77 -3.97 1.96
C TYR A 47 16.24 -4.15 3.41
N GLY A 48 17.19 -5.03 3.59
CA GLY A 48 17.62 -5.31 4.96
C GLY A 48 16.74 -6.32 5.68
N VAL A 49 15.63 -6.70 5.07
CA VAL A 49 14.81 -7.74 5.67
C VAL A 49 15.39 -9.06 5.20
N GLU A 50 16.15 -9.68 6.05
CA GLU A 50 16.93 -10.89 5.77
C GLU A 50 16.09 -12.15 5.84
N SER A 51 15.23 -12.20 6.87
CA SER A 51 14.38 -13.31 7.21
C SER A 51 12.95 -12.86 7.50
N PRO A 52 11.94 -13.66 7.13
CA PRO A 52 10.57 -13.27 7.47
C PRO A 52 10.31 -13.34 8.99
N LYS A 53 11.21 -13.97 9.75
CA LYS A 53 11.05 -14.15 11.18
C LYS A 53 10.99 -12.84 11.99
N ILE A 54 11.54 -11.73 11.44
CA ILE A 54 11.57 -10.44 12.13
C ILE A 54 10.29 -9.62 11.94
N LEU A 55 9.37 -10.14 11.11
CA LEU A 55 8.13 -9.46 10.74
C LEU A 55 6.94 -9.82 11.55
N ARG A 56 6.07 -8.85 11.79
CA ARG A 56 4.79 -9.04 12.45
C ARG A 56 3.77 -8.22 11.64
N VAL A 57 2.68 -8.86 11.25
CA VAL A 57 1.61 -8.18 10.53
C VAL A 57 0.46 -7.95 11.53
N TYR A 58 0.06 -6.67 11.70
CA TYR A 58 -1.06 -6.30 12.57
C TYR A 58 -2.19 -5.80 11.75
N SER A 59 -3.35 -6.39 12.02
CA SER A 59 -4.59 -6.03 11.38
C SER A 59 -5.53 -5.48 12.44
N GLY A 60 -6.56 -4.77 12.00
CA GLY A 60 -7.56 -4.17 12.88
C GLY A 60 -7.02 -3.10 13.80
N ILE A 61 -5.99 -2.40 13.34
CA ILE A 61 -5.33 -1.36 14.11
C ILE A 61 -5.71 -0.02 13.54
N LEU A 62 -6.09 0.91 14.44
CA LEU A 62 -6.31 2.28 14.05
C LEU A 62 -5.08 3.07 14.49
N ASN A 63 -4.73 2.98 15.79
CA ASN A 63 -3.62 3.69 16.38
C ASN A 63 -2.45 2.77 16.69
N GLN A 64 -1.23 3.21 16.37
CA GLN A 64 0.00 2.44 16.68
C GLN A 64 0.16 2.18 18.19
N SER A 65 -0.34 3.11 19.01
CA SER A 65 -0.34 3.03 20.48
C SER A 65 -1.18 1.87 21.00
N GLU A 66 -2.10 1.30 20.21
CA GLU A 66 -2.87 0.14 20.62
C GLU A 66 -1.94 -1.04 20.73
N ILE A 67 -0.85 -1.05 19.95
CA ILE A 67 -0.01 -2.24 19.91
C ILE A 67 0.63 -2.53 21.23
N LYS A 68 0.04 -3.53 21.95
CA LYS A 68 0.33 -4.02 23.28
C LYS A 68 1.04 -5.36 23.17
N GLU A 69 1.67 -5.81 24.27
CA GLU A 69 2.37 -7.08 24.24
C GLU A 69 1.43 -8.22 23.91
N ASP A 70 0.19 -8.12 24.33
CA ASP A 70 -0.80 -9.17 24.10
C ASP A 70 -1.69 -8.94 22.87
N THR A 71 -1.36 -7.96 22.00
CA THR A 71 -2.06 -7.71 20.74
C THR A 71 -1.67 -8.82 19.73
N SER A 72 -2.71 -9.43 19.16
CA SER A 72 -2.52 -10.47 18.17
C SER A 72 -1.95 -9.92 16.89
N PHE A 73 -1.13 -10.76 16.26
CA PHE A 73 -0.45 -10.48 15.01
C PHE A 73 -0.26 -11.78 14.25
N PHE A 74 0.08 -11.65 12.98
CA PHE A 74 0.38 -12.74 12.09
C PHE A 74 1.84 -12.79 11.80
N GLY A 75 2.42 -13.97 11.95
CA GLY A 75 3.80 -14.19 11.58
C GLY A 75 3.84 -14.36 10.07
N VAL A 76 5.00 -14.13 9.47
CA VAL A 76 5.18 -14.23 8.03
C VAL A 76 6.00 -15.51 7.74
N GLN A 77 5.45 -16.40 6.91
CA GLN A 77 6.09 -17.64 6.50
C GLN A 77 7.05 -17.40 5.33
N GLU A 78 6.70 -16.48 4.43
CA GLU A 78 7.52 -16.21 3.25
C GLU A 78 7.34 -14.81 2.75
N ILE A 79 8.42 -14.23 2.20
CA ILE A 79 8.43 -12.92 1.52
C ILE A 79 8.71 -13.23 0.07
N ILE A 80 7.80 -12.86 -0.82
CA ILE A 80 7.93 -13.09 -2.26
C ILE A 80 8.04 -11.73 -2.96
N ILE A 81 9.24 -11.40 -3.43
CA ILE A 81 9.49 -10.14 -4.13
C ILE A 81 9.54 -10.38 -5.63
N HIS A 82 8.92 -9.50 -6.43
CA HIS A 82 8.95 -9.63 -7.87
C HIS A 82 10.39 -9.73 -8.34
N ASP A 83 10.68 -10.77 -9.17
CA ASP A 83 12.08 -11.01 -9.59
C ASP A 83 12.66 -9.99 -10.51
N GLN A 84 11.83 -9.11 -11.08
CA GLN A 84 12.33 -8.04 -11.93
C GLN A 84 12.54 -6.76 -11.14
N TYR A 85 12.22 -6.75 -9.84
CA TYR A 85 12.40 -5.54 -9.03
C TYR A 85 13.88 -5.16 -8.82
N LYS A 86 14.20 -3.88 -9.10
CA LYS A 86 15.53 -3.28 -8.88
C LYS A 86 15.39 -2.06 -7.98
N MET A 87 14.46 -1.15 -8.31
CA MET A 87 14.20 0.04 -7.48
C MET A 87 12.80 0.56 -7.77
N ALA A 88 12.17 1.27 -6.80
CA ALA A 88 10.81 1.78 -6.97
C ALA A 88 10.62 2.54 -8.27
N GLU A 89 11.54 3.47 -8.61
CA GLU A 89 11.44 4.33 -9.79
C GLU A 89 11.46 3.56 -11.12
N SER A 90 11.94 2.29 -11.12
CA SER A 90 11.96 1.44 -12.32
C SER A 90 10.78 0.45 -12.38
N GLY A 91 9.89 0.48 -11.40
CA GLY A 91 8.77 -0.42 -11.41
C GLY A 91 9.01 -1.76 -10.76
N TYR A 92 8.00 -2.65 -10.91
CA TYR A 92 7.95 -4.00 -10.32
C TYR A 92 8.01 -3.89 -8.82
N ASP A 93 7.52 -2.77 -8.26
CA ASP A 93 7.56 -2.54 -6.82
C ASP A 93 6.37 -3.24 -6.13
N ILE A 94 6.48 -4.55 -6.00
CA ILE A 94 5.39 -5.39 -5.48
C ILE A 94 5.98 -6.60 -4.80
N ALA A 95 5.34 -7.00 -3.72
CA ALA A 95 5.72 -8.15 -2.93
C ALA A 95 4.49 -8.77 -2.27
N LEU A 96 4.56 -10.09 -1.98
CA LEU A 96 3.53 -10.81 -1.23
C LEU A 96 4.14 -11.35 0.03
N LEU A 97 3.33 -11.33 1.09
CA LEU A 97 3.70 -11.97 2.34
C LEU A 97 2.71 -13.10 2.54
N LYS A 98 3.24 -14.32 2.70
CA LYS A 98 2.43 -15.49 3.01
C LYS A 98 2.46 -15.60 4.53
N LEU A 99 1.28 -15.58 5.13
CA LEU A 99 1.18 -15.62 6.60
C LEU A 99 1.27 -17.02 7.17
N GLU A 100 1.81 -17.15 8.39
CA GLU A 100 1.98 -18.45 9.06
C GLU A 100 0.67 -19.06 9.48
N THR A 101 -0.32 -18.22 9.76
CA THR A 101 -1.68 -18.60 10.17
C THR A 101 -2.67 -17.84 9.34
N THR A 102 -3.92 -18.27 9.41
CA THR A 102 -5.05 -17.72 8.67
C THR A 102 -5.67 -16.51 9.37
N VAL A 103 -6.02 -15.50 8.59
CA VAL A 103 -6.73 -14.33 9.13
C VAL A 103 -8.22 -14.75 9.27
N ASN A 104 -8.80 -14.57 10.45
CA ASN A 104 -10.21 -14.82 10.59
C ASN A 104 -10.88 -13.46 10.36
N TYR A 105 -11.66 -13.40 9.29
CA TYR A 105 -12.29 -12.17 8.88
C TYR A 105 -13.34 -11.70 9.84
N THR A 106 -13.36 -10.37 10.08
CA THR A 106 -14.29 -9.68 10.99
C THR A 106 -14.52 -8.30 10.43
N ASP A 107 -15.34 -7.51 11.10
CA ASP A 107 -15.57 -6.13 10.70
C ASP A 107 -14.29 -5.29 10.83
N SER A 108 -13.32 -5.73 11.64
CA SER A 108 -12.06 -4.99 11.83
C SER A 108 -10.94 -5.45 10.89
N GLN A 109 -11.07 -6.64 10.23
CA GLN A 109 -10.03 -7.15 9.34
C GLN A 109 -10.62 -8.04 8.27
N ARG A 110 -10.55 -7.61 7.02
CA ARG A 110 -11.11 -8.39 5.91
C ARG A 110 -10.44 -7.98 4.60
N PRO A 111 -10.53 -8.81 3.56
CA PRO A 111 -9.78 -8.53 2.33
C PRO A 111 -10.39 -7.50 1.42
N ILE A 112 -9.53 -6.92 0.59
CA ILE A 112 -9.94 -5.99 -0.46
C ILE A 112 -9.88 -6.75 -1.79
N CYS A 113 -10.86 -6.53 -2.65
CA CYS A 113 -10.90 -7.16 -3.95
C CYS A 113 -9.78 -6.65 -4.82
N LEU A 114 -9.19 -7.55 -5.65
CA LEU A 114 -8.23 -7.16 -6.64
C LEU A 114 -9.01 -6.61 -7.80
N PRO A 115 -8.43 -5.70 -8.61
CA PRO A 115 -9.17 -5.21 -9.79
C PRO A 115 -9.38 -6.36 -10.77
N SER A 116 -10.44 -6.27 -11.56
CA SER A 116 -10.66 -7.31 -12.56
C SER A 116 -9.87 -6.91 -13.81
N LYS A 117 -9.21 -7.88 -14.46
CA LYS A 117 -8.45 -7.64 -15.69
C LYS A 117 -9.43 -7.01 -16.70
N GLY A 118 -10.71 -7.41 -16.58
CA GLY A 118 -11.81 -6.88 -17.37
C GLY A 118 -12.26 -5.53 -16.87
N ASP A 119 -11.57 -4.99 -15.86
CA ASP A 119 -11.86 -3.68 -15.28
C ASP A 119 -10.74 -2.71 -15.56
N ARG A 120 -9.74 -3.12 -16.36
CA ARG A 120 -8.62 -2.25 -16.74
C ARG A 120 -9.13 -0.99 -17.47
N ASN A 121 -10.40 -1.04 -17.94
CA ASN A 121 -11.08 0.03 -18.68
C ASN A 121 -11.93 0.95 -17.80
N VAL A 122 -12.19 0.54 -16.54
CA VAL A 122 -13.03 1.35 -15.67
C VAL A 122 -12.30 2.63 -15.26
N ILE A 123 -13.08 3.67 -15.04
CA ILE A 123 -12.63 4.97 -14.60
C ILE A 123 -13.07 5.11 -13.15
N TYR A 124 -12.11 5.11 -12.24
CA TYR A 124 -12.41 5.24 -10.82
C TYR A 124 -12.42 6.71 -10.44
N THR A 125 -13.46 7.13 -9.73
CA THR A 125 -13.60 8.52 -9.29
C THR A 125 -13.66 8.66 -7.76
N ASP A 126 -13.45 7.57 -7.04
CA ASP A 126 -13.51 7.63 -5.57
C ASP A 126 -12.36 6.84 -5.00
N CYS A 127 -11.16 7.43 -5.03
CA CYS A 127 -9.92 6.78 -4.60
C CYS A 127 -9.32 7.39 -3.35
N TRP A 128 -8.81 6.56 -2.46
CA TRP A 128 -8.24 7.03 -1.19
C TRP A 128 -6.90 6.36 -0.94
N VAL A 129 -5.96 7.11 -0.40
CA VAL A 129 -4.66 6.59 0.00
C VAL A 129 -4.66 6.66 1.53
N THR A 130 -4.20 5.59 2.18
CA THR A 130 -4.21 5.52 3.65
C THR A 130 -2.85 5.11 4.18
N GLY A 131 -2.54 5.49 5.42
CA GLY A 131 -1.30 5.09 6.04
C GLY A 131 -0.93 5.85 7.29
N TRP A 132 0.14 5.38 7.96
CA TRP A 132 0.71 5.96 9.18
C TRP A 132 2.00 6.73 8.85
N GLY A 133 2.16 7.10 7.60
CA GLY A 133 3.35 7.81 7.15
C GLY A 133 3.42 9.25 7.56
N TYR A 134 4.52 9.90 7.18
CA TYR A 134 4.78 11.31 7.50
C TYR A 134 3.65 12.22 6.97
N ARG A 135 3.42 13.34 7.67
CA ARG A 135 2.44 14.38 7.29
C ARG A 135 3.11 15.51 6.52
N LYS A 136 4.46 15.46 6.44
CA LYS A 136 5.30 16.42 5.72
C LYS A 136 6.66 15.80 5.55
N LEU A 137 7.47 16.32 4.63
CA LEU A 137 8.78 15.75 4.31
C LEU A 137 9.65 15.37 5.50
N ARG A 138 9.75 16.27 6.48
CA ARG A 138 10.56 16.01 7.68
C ARG A 138 9.60 15.82 8.85
N ASP A 139 9.28 14.54 9.14
CA ASP A 139 8.30 14.24 10.16
C ASP A 139 8.63 12.88 10.77
N LYS A 140 7.60 12.19 11.25
CA LYS A 140 7.75 10.88 11.83
C LYS A 140 6.50 10.08 11.53
N ILE A 141 6.53 8.80 11.84
CA ILE A 141 5.37 7.92 11.70
C ILE A 141 4.27 8.40 12.63
N GLN A 142 3.03 8.40 12.13
CA GLN A 142 1.85 8.85 12.85
C GLN A 142 1.24 7.80 13.69
N ASN A 143 0.59 8.20 14.79
CA ASN A 143 -0.10 7.26 15.63
C ASN A 143 -1.41 6.77 14.96
N THR A 144 -2.28 7.72 14.55
CA THR A 144 -3.57 7.38 13.95
C THR A 144 -3.49 7.23 12.45
N LEU A 145 -4.07 6.13 11.93
CA LEU A 145 -4.14 5.88 10.49
C LEU A 145 -4.81 7.07 9.84
N GLN A 146 -4.15 7.64 8.83
CA GLN A 146 -4.69 8.78 8.07
C GLN A 146 -5.26 8.35 6.75
N LYS A 147 -6.16 9.17 6.21
CA LYS A 147 -6.77 8.94 4.90
C LYS A 147 -6.80 10.23 4.10
N ALA A 148 -6.72 10.10 2.76
CA ALA A 148 -6.79 11.24 1.86
C ALA A 148 -7.39 10.80 0.54
N LYS A 149 -8.37 11.56 0.04
CA LYS A 149 -9.02 11.29 -1.24
C LYS A 149 -8.20 11.96 -2.31
N ILE A 150 -7.77 11.20 -3.33
CA ILE A 150 -6.89 11.74 -4.37
C ILE A 150 -7.39 11.29 -5.74
N PRO A 151 -7.39 12.18 -6.76
CA PRO A 151 -7.80 11.75 -8.10
C PRO A 151 -6.72 11.01 -8.88
N LEU A 152 -7.13 10.02 -9.65
CA LEU A 152 -6.23 9.33 -10.54
C LEU A 152 -5.86 10.30 -11.67
N VAL A 153 -4.61 10.19 -12.14
CA VAL A 153 -4.04 11.01 -13.20
C VAL A 153 -3.75 10.05 -14.34
N THR A 154 -4.00 10.45 -15.61
CA THR A 154 -3.71 9.58 -16.74
C THR A 154 -2.19 9.34 -16.81
N ASN A 155 -1.81 8.19 -17.38
CA ASN A 155 -0.42 7.84 -17.55
C ASN A 155 0.27 8.94 -18.37
N GLU A 156 -0.40 9.44 -19.44
CA GLU A 156 0.14 10.47 -20.32
C GLU A 156 0.41 11.77 -19.57
N GLU A 157 -0.51 12.18 -18.69
CA GLU A 157 -0.32 13.37 -17.86
C GLU A 157 0.79 13.14 -16.86
N CYS A 158 0.82 11.98 -16.19
CA CYS A 158 1.87 11.67 -15.24
C CYS A 158 3.24 11.67 -15.89
N GLN A 159 3.36 11.13 -17.10
CA GLN A 159 4.62 11.15 -17.82
C GLN A 159 5.08 12.59 -18.07
N LYS A 160 4.15 13.52 -18.38
CA LYS A 160 4.45 14.96 -18.54
C LYS A 160 5.03 15.56 -17.26
N ARG A 161 4.57 15.09 -16.10
CA ARG A 161 5.02 15.58 -14.79
C ARG A 161 6.37 15.05 -14.35
N TYR A 162 6.83 13.92 -14.94
CA TYR A 162 8.08 13.23 -14.62
C TYR A 162 8.83 12.99 -15.93
N ARG A 163 9.13 14.08 -16.64
CA ARG A 163 9.77 14.00 -17.95
C ARG A 163 11.08 13.20 -18.02
N GLY A 164 11.78 13.10 -16.88
CA GLY A 164 13.05 12.40 -16.80
C GLY A 164 12.98 10.95 -16.35
N HIS A 165 11.75 10.42 -16.22
CA HIS A 165 11.47 9.04 -15.81
C HIS A 165 10.67 8.34 -16.86
N LYS A 166 10.61 7.02 -16.77
CA LYS A 166 9.79 6.25 -17.66
C LYS A 166 8.55 5.78 -16.83
N ILE A 167 7.40 6.43 -17.06
CA ILE A 167 6.18 6.09 -16.36
C ILE A 167 5.47 5.05 -17.23
N THR A 168 5.49 3.81 -16.78
CA THR A 168 4.94 2.69 -17.53
C THR A 168 3.48 2.47 -17.20
N HIS A 169 2.83 1.59 -17.97
CA HIS A 169 1.46 1.21 -17.73
C HIS A 169 1.38 0.30 -16.51
N LYS A 170 2.53 -0.17 -15.98
CA LYS A 170 2.57 -0.96 -14.74
C LYS A 170 2.59 -0.03 -13.49
N MET A 171 2.53 1.28 -13.72
CA MET A 171 2.44 2.30 -12.68
C MET A 171 1.13 3.07 -12.91
N ILE A 172 0.59 3.62 -11.85
CA ILE A 172 -0.59 4.45 -11.87
C ILE A 172 -0.30 5.65 -10.96
N CYS A 173 -0.66 6.86 -11.40
CA CYS A 173 -0.40 8.07 -10.65
C CYS A 173 -1.67 8.67 -10.10
N ALA A 174 -1.54 9.41 -9.00
CA ALA A 174 -2.67 10.05 -8.37
C ALA A 174 -2.23 11.31 -7.65
N GLY A 175 -2.97 12.39 -7.83
CA GLY A 175 -2.63 13.67 -7.22
C GLY A 175 -3.37 14.83 -7.84
N TYR A 176 -3.40 15.94 -7.10
CA TYR A 176 -4.05 17.17 -7.51
C TYR A 176 -3.00 18.02 -8.20
N ARG A 177 -3.43 18.74 -9.25
CA ARG A 177 -2.51 19.62 -9.97
C ARG A 177 -1.82 20.61 -9.01
N GLU A 178 -2.58 21.18 -8.08
CA GLU A 178 -2.06 22.14 -7.12
C GLU A 178 -1.30 21.51 -5.93
N GLY A 179 -1.28 20.18 -5.84
CA GLY A 179 -0.65 19.47 -4.74
C GLY A 179 -1.53 19.51 -3.50
N GLY A 180 -0.97 19.22 -2.34
CA GLY A 180 -1.70 19.32 -1.08
C GLY A 180 -2.10 18.05 -0.38
N LYS A 181 -2.33 16.98 -1.13
CA LYS A 181 -2.70 15.68 -0.58
C LYS A 181 -1.87 14.63 -1.30
N ASP A 182 -1.27 13.71 -0.54
CA ASP A 182 -0.41 12.69 -1.13
C ASP A 182 0.02 11.69 -0.07
N ALA A 183 0.66 10.61 -0.52
CA ALA A 183 1.27 9.67 0.39
C ALA A 183 2.64 10.27 0.71
N CYS A 184 3.32 9.71 1.73
CA CYS A 184 4.66 10.16 2.07
C CYS A 184 5.45 8.96 2.72
N LYS A 185 6.68 9.19 3.22
CA LYS A 185 7.50 8.14 3.85
C LYS A 185 6.72 7.44 4.97
N GLY A 186 6.70 6.13 4.93
CA GLY A 186 6.02 5.30 5.92
C GLY A 186 4.71 4.76 5.40
N ASP A 187 4.19 5.36 4.32
CA ASP A 187 2.92 4.97 3.69
C ASP A 187 3.12 3.89 2.64
N SER A 188 4.36 3.71 2.16
CA SER A 188 4.63 2.72 1.12
C SER A 188 4.19 1.34 1.50
N GLY A 189 3.74 0.63 0.48
CA GLY A 189 3.23 -0.72 0.66
C GLY A 189 1.74 -0.75 0.90
N GLY A 190 1.20 0.34 1.40
CA GLY A 190 -0.22 0.43 1.67
C GLY A 190 -1.04 0.60 0.41
N PRO A 191 -2.39 0.58 0.60
CA PRO A 191 -3.31 0.64 -0.55
C PRO A 191 -3.67 2.01 -1.08
N LEU A 192 -3.96 2.04 -2.38
CA LEU A 192 -4.68 3.10 -3.07
C LEU A 192 -5.99 2.35 -3.41
N SER A 193 -7.04 2.59 -2.60
CA SER A 193 -8.33 1.89 -2.65
C SER A 193 -9.35 2.75 -3.36
N CYS A 194 -10.05 2.16 -4.36
CA CYS A 194 -11.08 2.88 -5.11
C CYS A 194 -12.41 2.17 -5.02
N LYS A 195 -13.50 2.93 -4.81
CA LYS A 195 -14.85 2.35 -4.67
C LYS A 195 -15.57 2.44 -6.00
N HIS A 196 -16.01 1.30 -6.51
CA HIS A 196 -16.70 1.22 -7.79
C HIS A 196 -17.91 0.32 -7.63
N ASN A 197 -19.11 0.89 -7.83
CA ASN A 197 -20.36 0.15 -7.70
C ASN A 197 -20.45 -0.49 -6.33
N GLU A 198 -20.17 0.29 -5.29
CA GLU A 198 -20.25 -0.18 -3.90
C GLU A 198 -19.19 -1.15 -3.45
N VAL A 199 -18.18 -1.44 -4.29
CA VAL A 199 -17.16 -2.43 -3.95
C VAL A 199 -15.83 -1.74 -3.98
N TRP A 200 -15.02 -1.95 -2.94
CA TRP A 200 -13.68 -1.38 -2.92
C TRP A 200 -12.73 -2.29 -3.70
N HIS A 201 -11.85 -1.69 -4.50
CA HIS A 201 -10.83 -2.43 -5.25
C HIS A 201 -9.45 -1.89 -4.93
N LEU A 202 -8.46 -2.79 -4.89
CA LEU A 202 -7.07 -2.42 -4.64
C LEU A 202 -6.42 -2.01 -5.96
N VAL A 203 -6.48 -0.73 -6.25
CA VAL A 203 -5.99 -0.22 -7.53
C VAL A 203 -4.49 -0.03 -7.55
N GLY A 204 -3.95 0.50 -6.46
CA GLY A 204 -2.52 0.77 -6.39
C GLY A 204 -1.86 0.39 -5.08
N ILE A 205 -0.53 0.30 -5.12
CA ILE A 205 0.31 0.09 -3.96
C ILE A 205 1.20 1.33 -3.88
N THR A 206 1.15 2.04 -2.75
CA THR A 206 2.00 3.23 -2.55
C THR A 206 3.50 2.91 -2.80
N SER A 207 4.12 3.65 -3.72
CA SER A 207 5.48 3.38 -4.18
C SER A 207 6.46 4.52 -4.04
N TRP A 208 6.35 5.61 -4.86
CA TRP A 208 7.30 6.73 -4.84
C TRP A 208 6.73 8.03 -5.40
N GLY A 209 7.51 9.10 -5.36
CA GLY A 209 7.14 10.40 -5.92
C GLY A 209 8.28 11.37 -5.73
N GLU A 210 8.19 12.57 -6.33
CA GLU A 210 9.23 13.60 -6.13
C GLU A 210 8.73 14.44 -4.98
N GLY A 211 9.23 14.17 -3.77
CA GLY A 211 8.81 14.83 -2.54
C GLY A 211 7.42 14.37 -2.20
N CYS A 212 6.70 15.13 -1.36
CA CYS A 212 5.35 14.78 -0.96
C CYS A 212 4.41 15.94 -1.17
N ALA A 213 3.27 15.68 -1.84
CA ALA A 213 2.18 16.62 -2.09
C ALA A 213 2.57 17.89 -2.80
N GLN A 214 3.65 17.85 -3.59
CA GLN A 214 4.05 19.03 -4.35
C GLN A 214 3.14 19.27 -5.56
N ARG A 215 3.03 20.54 -5.93
CA ARG A 215 2.28 20.95 -7.11
C ARG A 215 2.85 20.20 -8.33
N GLU A 216 1.96 19.63 -9.16
CA GLU A 216 2.29 18.91 -10.40
C GLU A 216 3.30 17.77 -10.26
N ARG A 217 3.28 17.10 -9.09
CA ARG A 217 4.12 15.93 -8.81
C ARG A 217 3.23 14.87 -8.21
N PRO A 218 2.48 14.13 -9.06
CA PRO A 218 1.56 13.13 -8.47
C PRO A 218 2.31 11.97 -7.86
N GLY A 219 1.67 11.32 -6.91
CA GLY A 219 2.24 10.13 -6.31
C GLY A 219 2.17 9.03 -7.32
N VAL A 220 3.22 8.17 -7.33
CA VAL A 220 3.35 7.03 -8.23
C VAL A 220 3.11 5.75 -7.42
N TYR A 221 2.21 4.89 -7.96
CA TYR A 221 1.76 3.66 -7.32
C TYR A 221 1.95 2.49 -8.24
N THR A 222 2.09 1.27 -7.68
CA THR A 222 2.16 0.08 -8.50
C THR A 222 0.72 -0.15 -9.00
N ASN A 223 0.54 -0.30 -10.33
CA ASN A 223 -0.77 -0.53 -10.94
C ASN A 223 -1.11 -2.01 -10.79
N VAL A 224 -1.84 -2.32 -9.71
CA VAL A 224 -2.18 -3.70 -9.32
C VAL A 224 -2.83 -4.54 -10.43
N VAL A 225 -3.70 -3.95 -11.24
CA VAL A 225 -4.36 -4.69 -12.31
C VAL A 225 -3.35 -5.36 -13.25
N GLU A 226 -2.17 -4.74 -13.41
CA GLU A 226 -1.12 -5.27 -14.29
C GLU A 226 -0.34 -6.40 -13.66
N TYR A 227 -0.67 -6.73 -12.42
CA TYR A 227 0.01 -7.77 -11.69
C TYR A 227 -0.90 -8.85 -11.19
N VAL A 228 -2.18 -8.81 -11.58
CA VAL A 228 -3.11 -9.86 -11.16
C VAL A 228 -2.59 -11.26 -11.50
N ASP A 229 -2.09 -11.45 -12.70
CA ASP A 229 -1.53 -12.73 -13.19
C ASP A 229 -0.31 -13.18 -12.34
N TRP A 230 0.58 -12.22 -11.98
CA TRP A 230 1.74 -12.49 -11.16
C TRP A 230 1.27 -12.92 -9.77
N ILE A 231 0.26 -12.20 -9.21
CA ILE A 231 -0.28 -12.52 -7.88
C ILE A 231 -0.84 -13.93 -7.89
N LEU A 232 -1.63 -14.29 -8.91
CA LEU A 232 -2.20 -15.63 -8.99
C LEU A 232 -1.15 -16.71 -9.11
N GLU A 233 -0.08 -16.41 -9.83
CA GLU A 233 1.03 -17.33 -10.03
C GLU A 233 1.63 -17.66 -8.73
N LYS A 234 1.83 -16.66 -7.86
CA LYS A 234 2.45 -16.85 -6.54
C LYS A 234 1.56 -17.39 -5.49
N THR A 235 0.28 -17.02 -5.49
CA THR A 235 -0.70 -17.44 -4.47
C THR A 235 -1.39 -18.77 -4.78
N GLN A 236 -1.49 -19.13 -6.05
CA GLN A 236 -2.19 -20.34 -6.50
C GLN A 236 -1.23 -21.42 -7.06
N ALA A 237 0.07 -21.36 -6.70
CA ALA A 237 1.10 -22.30 -7.14
C ALA A 237 0.78 -23.70 -6.70
N VAL A 238 0.95 -24.71 -7.57
CA VAL A 238 0.68 -26.11 -7.19
C VAL A 238 1.93 -26.81 -6.66
C1 1T5 B . 10.46 12.74 0.57
C2 1T5 B . 9.55 11.87 1.12
C3 1T5 B . 11.01 12.47 -0.66
C4 1T5 B . 11.65 5.36 5.22
C5 1T5 B . 11.22 5.08 6.50
C6 1T5 B . 5.55 7.61 -1.63
C7 1T5 B . 9.20 10.71 0.43
C8 1T5 B . 10.67 11.31 -1.35
C9 1T5 B . 6.51 6.74 -1.18
C10 1T5 B . 10.67 5.80 1.77
C11 1T5 B . 12.74 4.74 2.40
C12 1T5 B . 9.28 3.96 5.61
C13 1T5 B . 7.18 9.37 -1.75
C14 1T5 B . 12.31 5.30 0.11
C15 1T5 B . 10.91 4.95 4.11
C16 1T5 B . 11.48 5.22 2.75
C17 1T5 B . 10.07 4.31 6.71
C18 1T5 B . 5.85 8.96 -1.88
C19 1T5 B . 9.70 4.29 4.33
C20 1T5 B . 9.78 10.39 -0.79
C21 1T5 B . 11.07 5.85 0.44
C22 1T5 B . 8.18 8.49 -1.35
C23 1T5 B . 7.84 7.16 -1.06
C24 1T5 B . 13.16 4.80 1.08
C25 1T5 B . 4.86 9.93 -2.50
C26 1T5 B . 9.78 3.84 8.11
C27 1T5 B . 8.75 3.95 3.24
C28 1T5 B . 15.65 4.64 1.39
C29 1T5 B . 10.47 8.10 -0.38
C30 1T5 B . 10.26 6.60 -0.60
C31 1T5 B . 9.63 8.97 -1.36
C32 1T5 B . 10.15 8.88 -2.81
C33 1T5 B . 18.25 3.81 0.23
C34 1T5 B . 18.83 5.30 2.17
C35 1T5 B . 16.69 5.64 0.94
C36 1T5 B . 18.13 5.19 0.84
N37 1T5 B . 3.84 9.48 -3.18
N38 1T5 B . 8.82 6.23 -0.65
N39 1T5 B . 5.17 11.30 -2.52
N40 1T5 B . 8.78 2.96 8.30
N41 1T5 B . 14.52 4.70 0.66
O42 1T5 B . 10.38 4.35 9.04
O43 1T5 B . 7.86 4.70 2.97
O44 1T5 B . 15.82 3.92 2.37
O45 1T5 B . 8.91 2.80 2.64
H46 1T5 B . 10.78 13.63 1.13
H47 1T5 B . 9.09 12.10 2.08
H48 1T5 B . 11.71 13.18 -1.11
H49 1T5 B . 12.58 5.90 5.06
H50 1T5 B . 11.81 5.49 7.32
H51 1T5 B . 4.54 7.23 -1.74
H52 1T5 B . 8.45 10.06 0.88
H53 1T5 B . 11.13 11.20 -2.32
H54 1T5 B . 6.23 5.72 -0.92
H55 1T5 B . 9.75 6.29 2.07
H56 1T5 B . 13.35 4.32 3.21
H57 1T5 B . 8.34 3.43 5.75
H58 1T5 B . 7.47 10.39 -2.01
H59 1T5 B . 12.59 5.27 -0.94
H60 1T5 B . 10.24 8.34 0.66
H61 1T5 B . 11.52 8.33 -0.47
H62 1T5 B . 10.67 6.35 -1.58
H64 1T5 B . 9.71 9.64 -3.45
H63 1T5 B . 9.92 7.93 -3.26
H65 1T5 B . 11.24 8.97 -2.86
H68 1T5 B . 17.59 3.67 -0.62
H67 1T5 B . 19.26 3.59 -0.12
H66 1T5 B . 17.99 3.01 0.93
H70 1T5 B . 18.80 6.32 2.57
H69 1T5 B . 18.40 4.65 2.93
H71 1T5 B . 19.89 5.04 2.12
H73 1T5 B . 16.37 6.00 -0.04
H72 1T5 B . 16.67 6.54 1.54
H74 1T5 B . 18.66 5.87 0.16
H75 1T5 B . 3.72 8.48 -3.33
H76 1T5 B . 8.55 5.30 -0.39
H78 1T5 B . 4.53 11.96 -2.99
H79 1T5 B . 8.18 2.58 7.59
H80 1T5 B . 8.60 2.64 9.24
H81 1T5 B . 14.62 4.63 -0.35
H82 1T5 B . 9.66 2.27 3.00
H77 1T5 B . 5.99 11.74 -2.12
S SO4 C . -0.08 22.41 -17.38
O1 SO4 C . -0.54 23.78 -17.62
O2 SO4 C . -1.14 21.70 -16.60
O3 SO4 C . 0.20 21.71 -18.67
O4 SO4 C . 1.16 22.51 -16.59
S SO4 D . 6.53 3.44 14.88
O1 SO4 D . 5.61 4.53 15.26
O2 SO4 D . 5.93 2.14 15.18
O3 SO4 D . 6.90 3.48 13.47
O4 SO4 D . 7.74 3.65 15.67
S SO4 E . 11.95 14.32 -13.22
O1 SO4 E . 12.83 15.09 -14.10
O2 SO4 E . 10.82 15.16 -12.77
O3 SO4 E . 11.44 13.18 -13.96
O4 SO4 E . 12.71 13.85 -12.06
#